data_1PYO
#
_entry.id   1PYO
#
_cell.length_a   63.649
_cell.length_b   96.583
_cell.length_c   97.547
_cell.angle_alpha   90.00
_cell.angle_beta   90.00
_cell.angle_gamma   90.00
#
_symmetry.space_group_name_H-M   'P 21 21 21'
#
loop_
_entity.id
_entity.type
_entity.pdbx_description
1 polymer Caspase-2
2 polymer Caspase-2
3 polymer ACETYL-LEU-ASP-GLU-SER-ASJ
4 water water
#
loop_
_entity_poly.entity_id
_entity_poly.type
_entity_poly.pdbx_seq_one_letter_code
_entity_poly.pdbx_strand_id
1 'polypeptide(L)'
;NKDGPVCLQVKPCTPEFYQTHFQLAYRLQSRPRGLALVLSNVHFTGEKELEFRSGGDVDHSTLVTLFKLLGYDVHVLCDQ
TAQEMQEKLQNFAQLPAHRVTDSCIVALLSHGVEGAIYGVDGKLLQLQEVFQLFDNANCPSLQNKPKMFFIQACRGDETD
RGVDQQD
;
A,C
2 'polypeptide(L)'
;AGKEKLPKMRLPTRSDMICGYACLKGTAAMRNTKRGSWYIEALAQVFSERACDMHVADMLVKVNALIKDREGYAPGTEFH
RCKEMSEYCSTLCRHLYLFPGHPPT
;
B,D
3 'polypeptide(L)' (ACE)LDES(ASJ) E,F
#
# COMPACT_ATOMS: atom_id res chain seq x y z
N LEU A 8 27.63 8.61 0.01
CA LEU A 8 26.27 8.52 -0.62
C LEU A 8 26.15 9.52 -1.77
N GLN A 9 25.82 9.04 -2.96
CA GLN A 9 25.67 9.93 -4.12
C GLN A 9 24.43 9.54 -4.91
N VAL A 10 23.70 10.54 -5.39
CA VAL A 10 22.48 10.31 -6.15
C VAL A 10 22.76 10.48 -7.65
N LYS A 11 22.61 9.40 -8.40
CA LYS A 11 22.83 9.44 -9.83
C LYS A 11 21.73 10.33 -10.45
N PRO A 12 22.10 11.24 -11.36
CA PRO A 12 21.08 12.11 -11.97
C PRO A 12 20.33 11.40 -13.10
N CYS A 13 19.09 11.81 -13.35
CA CYS A 13 18.32 11.23 -14.42
C CYS A 13 18.81 11.93 -15.70
N THR A 14 18.61 11.32 -16.87
CA THR A 14 19.06 11.96 -18.10
C THR A 14 17.95 12.81 -18.70
N PRO A 15 18.33 13.77 -19.56
CA PRO A 15 17.31 14.61 -20.17
C PRO A 15 16.33 13.76 -20.95
N GLU A 16 16.86 12.72 -21.60
CA GLU A 16 16.03 11.82 -22.39
C GLU A 16 15.03 11.09 -21.50
N PHE A 17 15.47 10.64 -20.33
CA PHE A 17 14.55 9.95 -19.43
C PHE A 17 13.41 10.92 -19.06
N TYR A 18 13.75 12.15 -18.69
CA TYR A 18 12.72 13.11 -18.33
C TYR A 18 11.74 13.32 -19.47
N GLN A 19 12.26 13.57 -20.68
CA GLN A 19 11.36 13.78 -21.82
C GLN A 19 10.41 12.63 -22.10
N THR A 20 10.83 11.39 -21.87
CA THR A 20 9.97 10.27 -22.17
C THR A 20 9.10 9.83 -21.02
N HIS A 21 9.27 10.45 -19.86
CA HIS A 21 8.47 10.06 -18.70
C HIS A 21 7.67 11.14 -18.00
N PHE A 22 7.96 12.41 -18.26
CA PHE A 22 7.27 13.46 -17.53
C PHE A 22 5.78 13.56 -17.80
N GLN A 23 5.34 13.20 -19.00
CA GLN A 23 3.93 13.30 -19.34
C GLN A 23 2.97 12.43 -18.53
N LEU A 24 3.40 11.24 -18.12
CA LEU A 24 2.53 10.35 -17.37
C LEU A 24 2.87 10.30 -15.88
N ALA A 25 3.61 11.30 -15.42
CA ALA A 25 4.00 11.29 -14.02
C ALA A 25 3.57 12.58 -13.35
N TYR A 26 3.60 12.59 -12.03
CA TYR A 26 3.29 13.83 -11.34
C TYR A 26 4.29 14.90 -11.79
N ARG A 27 3.80 16.13 -11.87
CA ARG A 27 4.70 17.24 -12.18
C ARG A 27 5.76 17.27 -11.08
N LEU A 28 7.04 17.25 -11.44
CA LEU A 28 8.07 17.26 -10.39
C LEU A 28 9.37 17.84 -10.91
N GLN A 29 9.37 19.17 -11.03
CA GLN A 29 10.54 19.87 -11.56
C GLN A 29 10.87 21.12 -10.77
N SER A 30 10.08 21.41 -9.73
CA SER A 30 10.37 22.59 -8.94
C SER A 30 11.73 22.46 -8.26
N ARG A 31 12.31 23.61 -7.94
CA ARG A 31 13.60 23.63 -7.24
C ARG A 31 13.38 24.55 -6.06
N PRO A 32 13.37 24.02 -4.82
CA PRO A 32 13.56 22.62 -4.46
C PRO A 32 12.37 21.77 -4.89
N ARG A 33 12.59 20.47 -4.93
CA ARG A 33 11.58 19.51 -5.33
C ARG A 33 10.43 19.54 -4.34
N GLY A 34 10.75 19.95 -3.12
CA GLY A 34 9.74 20.04 -2.08
C GLY A 34 10.45 20.22 -0.75
N LEU A 35 9.69 20.38 0.33
CA LEU A 35 10.31 20.43 1.65
C LEU A 35 10.29 19.02 2.17
N ALA A 36 11.26 18.65 3.00
CA ALA A 36 11.28 17.32 3.60
C ALA A 36 11.50 17.51 5.07
N LEU A 37 10.83 16.71 5.89
CA LEU A 37 11.02 16.83 7.34
C LEU A 37 11.52 15.50 7.83
N VAL A 38 12.60 15.50 8.61
CA VAL A 38 13.13 14.26 9.19
C VAL A 38 13.00 14.47 10.71
N LEU A 39 12.13 13.67 11.33
CA LEU A 39 11.87 13.80 12.76
C LEU A 39 12.36 12.50 13.39
N SER A 40 13.43 12.61 14.19
CA SER A 40 14.03 11.43 14.82
C SER A 40 14.02 11.51 16.32
N ASN A 41 13.44 10.50 16.96
CA ASN A 41 13.40 10.42 18.42
C ASN A 41 14.29 9.23 18.74
N VAL A 42 15.33 9.48 19.54
CA VAL A 42 16.32 8.48 19.88
C VAL A 42 16.46 8.25 21.38
N HIS A 43 16.30 9.32 22.16
CA HIS A 43 16.44 9.26 23.62
C HIS A 43 15.07 9.40 24.26
N PHE A 44 14.67 8.41 25.05
CA PHE A 44 13.36 8.45 25.66
C PHE A 44 13.27 8.48 27.19
N THR A 45 12.52 7.49 27.68
CA THR A 45 12.16 7.19 29.05
C THR A 45 10.99 8.00 29.56
N GLY A 46 9.86 7.33 29.60
CA GLY A 46 8.62 7.93 30.08
C GLY A 46 7.92 6.76 30.71
N GLU A 47 7.93 5.65 29.98
CA GLU A 47 7.33 4.42 30.44
C GLU A 47 8.48 3.39 30.42
N LYS A 48 9.69 3.93 30.19
CA LYS A 48 10.96 3.20 30.12
C LYS A 48 11.05 1.98 29.20
N GLU A 49 9.91 1.48 28.71
CA GLU A 49 9.90 0.33 27.79
C GLU A 49 10.40 0.88 26.47
N LEU A 50 10.74 2.16 26.50
CA LEU A 50 11.23 2.90 25.35
C LEU A 50 12.73 3.07 25.45
N GLU A 51 13.48 2.05 25.05
CA GLU A 51 14.93 2.09 25.12
C GLU A 51 15.63 2.96 24.09
N PHE A 52 16.76 3.52 24.49
CA PHE A 52 17.59 4.35 23.62
C PHE A 52 17.70 3.68 22.25
N ARG A 53 17.45 4.44 21.18
CA ARG A 53 17.53 3.82 19.85
C ARG A 53 18.91 3.96 19.27
N SER A 54 19.79 3.07 19.70
CA SER A 54 21.16 3.08 19.22
C SER A 54 21.16 2.88 17.72
N GLY A 55 21.85 3.76 17.01
CA GLY A 55 21.90 3.64 15.57
C GLY A 55 20.92 4.60 14.93
N GLY A 56 20.03 5.17 15.74
CA GLY A 56 19.07 6.12 15.22
C GLY A 56 19.76 7.35 14.66
N ASP A 57 20.97 7.63 15.14
CA ASP A 57 21.71 8.80 14.65
C ASP A 57 22.17 8.62 13.21
N VAL A 58 22.54 7.38 12.89
CA VAL A 58 22.97 7.05 11.54
C VAL A 58 21.77 7.19 10.61
N ASP A 59 20.61 6.72 11.04
CA ASP A 59 19.39 6.83 10.22
C ASP A 59 19.10 8.28 9.89
N HIS A 60 19.15 9.11 10.93
CA HIS A 60 18.88 10.53 10.78
C HIS A 60 19.82 11.19 9.78
N SER A 61 21.13 10.99 9.96
CA SER A 61 22.10 11.59 9.05
C SER A 61 21.95 11.07 7.62
N THR A 62 21.66 9.79 7.48
CA THR A 62 21.51 9.21 6.16
C THR A 62 20.34 9.84 5.41
N LEU A 63 19.22 10.02 6.09
CA LEU A 63 18.05 10.59 5.42
C LEU A 63 18.23 12.07 5.11
N VAL A 64 18.82 12.81 6.03
CA VAL A 64 19.04 14.23 5.77
C VAL A 64 19.90 14.37 4.51
N THR A 65 20.98 13.59 4.42
CA THR A 65 21.85 13.64 3.25
C THR A 65 21.13 13.20 1.99
N LEU A 66 20.40 12.09 2.09
CA LEU A 66 19.65 11.60 0.93
C LEU A 66 18.66 12.63 0.40
N PHE A 67 17.80 13.14 1.27
CA PHE A 67 16.79 14.10 0.82
C PHE A 67 17.41 15.38 0.24
N LYS A 68 18.50 15.85 0.84
CA LYS A 68 19.19 17.02 0.28
C LYS A 68 19.70 16.71 -1.14
N LEU A 69 20.32 15.53 -1.30
CA LEU A 69 20.85 15.15 -2.60
C LEU A 69 19.76 14.93 -3.64
N LEU A 70 18.55 14.62 -3.18
CA LEU A 70 17.40 14.42 -4.07
C LEU A 70 16.74 15.76 -4.41
N GLY A 71 17.30 16.85 -3.89
CA GLY A 71 16.77 18.16 -4.23
C GLY A 71 15.73 18.75 -3.31
N TYR A 72 15.60 18.23 -2.08
CA TYR A 72 14.63 18.74 -1.12
C TYR A 72 15.25 19.70 -0.11
N ASP A 73 14.46 20.63 0.42
CA ASP A 73 14.96 21.53 1.45
C ASP A 73 14.55 20.80 2.72
N VAL A 74 15.55 20.33 3.46
CA VAL A 74 15.31 19.51 4.65
C VAL A 74 15.17 20.22 5.98
N HIS A 75 14.10 19.88 6.70
CA HIS A 75 13.89 20.43 8.03
C HIS A 75 14.15 19.26 8.95
N VAL A 76 14.68 19.54 10.14
CA VAL A 76 15.00 18.49 11.06
C VAL A 76 14.46 18.75 12.45
N LEU A 77 14.02 17.69 13.10
CA LEU A 77 13.51 17.76 14.47
C LEU A 77 14.04 16.53 15.19
N CYS A 78 14.57 16.75 16.40
CA CYS A 78 15.14 15.66 17.18
C CYS A 78 14.58 15.60 18.59
N ASP A 79 14.36 14.38 19.06
CA ASP A 79 13.86 14.11 20.41
C ASP A 79 12.73 15.03 20.87
N GLN A 80 11.58 14.88 20.22
CA GLN A 80 10.39 15.69 20.50
C GLN A 80 9.32 14.90 21.24
N THR A 81 8.50 15.60 22.03
CA THR A 81 7.42 14.94 22.75
C THR A 81 6.28 14.79 21.76
N ALA A 82 5.28 14.00 22.10
CA ALA A 82 4.14 13.81 21.21
C ALA A 82 3.46 15.12 20.87
N GLN A 83 3.29 15.99 21.85
CA GLN A 83 2.64 17.28 21.62
C GLN A 83 3.50 18.15 20.72
N GLU A 84 4.81 18.16 20.95
CA GLU A 84 5.70 18.93 20.12
C GLU A 84 5.62 18.41 18.68
N MET A 85 5.58 17.09 18.53
CA MET A 85 5.50 16.52 17.17
C MET A 85 4.26 16.98 16.46
N GLN A 86 3.12 16.90 17.14
CA GLN A 86 1.85 17.33 16.55
C GLN A 86 1.92 18.82 16.15
N GLU A 87 2.35 19.66 17.09
CA GLU A 87 2.41 21.09 16.79
C GLU A 87 3.37 21.45 15.67
N LYS A 88 4.55 20.84 15.67
CA LYS A 88 5.54 21.15 14.66
C LYS A 88 5.23 20.50 13.33
N LEU A 89 4.55 19.37 13.34
CA LEU A 89 4.18 18.75 12.06
C LEU A 89 3.13 19.65 11.42
N GLN A 90 2.21 20.19 12.24
CA GLN A 90 1.20 21.09 11.72
C GLN A 90 1.86 22.37 11.19
N ASN A 91 2.84 22.89 11.92
CA ASN A 91 3.55 24.08 11.46
C ASN A 91 4.20 23.82 10.11
N PHE A 92 4.78 22.63 9.97
CA PHE A 92 5.47 22.26 8.75
C PHE A 92 4.47 22.14 7.59
N ALA A 93 3.34 21.50 7.86
CA ALA A 93 2.34 21.35 6.81
C ALA A 93 1.77 22.69 6.35
N GLN A 94 1.80 23.70 7.23
CA GLN A 94 1.27 25.01 6.89
C GLN A 94 2.25 26.00 6.29
N LEU A 95 3.50 25.59 6.10
CA LEU A 95 4.49 26.49 5.54
C LEU A 95 4.06 26.96 4.15
N PRO A 96 4.34 28.22 3.83
CA PRO A 96 3.98 28.77 2.52
C PRO A 96 4.74 28.20 1.32
N ALA A 97 5.91 27.63 1.55
CA ALA A 97 6.68 27.13 0.44
C ALA A 97 5.98 26.04 -0.32
N HIS A 98 5.10 25.30 0.35
CA HIS A 98 4.44 24.18 -0.31
C HIS A 98 3.69 24.57 -1.54
N ARG A 99 3.20 25.82 -1.63
CA ARG A 99 2.51 26.21 -2.84
C ARG A 99 3.40 26.19 -4.06
N VAL A 100 4.67 26.59 -3.92
CA VAL A 100 5.56 26.65 -5.06
C VAL A 100 6.46 25.43 -5.29
N THR A 101 6.27 24.40 -4.46
CA THR A 101 7.04 23.18 -4.66
C THR A 101 6.09 22.15 -5.27
N ASP A 102 6.62 21.01 -5.68
CA ASP A 102 5.81 20.00 -6.36
C ASP A 102 5.55 18.72 -5.57
N SER A 103 6.18 18.59 -4.42
CA SER A 103 5.99 17.35 -3.64
C SER A 103 6.38 17.63 -2.20
N CYS A 104 6.25 16.63 -1.33
CA CYS A 104 6.59 16.80 0.08
C CYS A 104 7.05 15.45 0.61
N ILE A 105 7.98 15.47 1.59
CA ILE A 105 8.49 14.26 2.23
C ILE A 105 8.46 14.43 3.76
N VAL A 106 7.97 13.41 4.46
CA VAL A 106 7.97 13.41 5.93
C VAL A 106 8.47 12.04 6.36
N ALA A 107 9.56 12.02 7.15
CA ALA A 107 10.10 10.77 7.63
C ALA A 107 10.01 10.85 9.16
N LEU A 108 9.43 9.82 9.78
CA LEU A 108 9.24 9.78 11.24
C LEU A 108 9.99 8.56 11.73
N LEU A 109 10.90 8.74 12.69
CA LEU A 109 11.71 7.63 13.16
C LEU A 109 11.66 7.64 14.68
N SER A 110 11.16 6.57 15.27
CA SER A 110 10.99 6.53 16.72
C SER A 110 10.48 5.16 17.09
N HIS A 111 10.07 5.02 18.36
CA HIS A 111 9.45 3.79 18.81
C HIS A 111 7.99 4.02 18.45
N GLY A 112 7.21 2.94 18.42
CA GLY A 112 5.81 3.12 18.12
C GLY A 112 4.98 1.88 18.41
N VAL A 113 3.69 1.98 18.10
CA VAL A 113 2.74 0.88 18.24
C VAL A 113 1.93 0.93 16.95
N GLU A 114 1.06 -0.05 16.74
CA GLU A 114 0.29 -0.01 15.50
C GLU A 114 -0.53 1.28 15.41
N GLY A 115 -0.35 2.02 14.31
CA GLY A 115 -1.08 3.26 14.10
C GLY A 115 -0.64 4.49 14.86
N ALA A 116 0.46 4.39 15.61
CA ALA A 116 0.93 5.55 16.37
C ALA A 116 2.43 5.53 16.67
N ILE A 117 3.02 6.70 16.88
CA ILE A 117 4.43 6.75 17.21
C ILE A 117 4.63 7.46 18.55
N TYR A 118 5.68 7.07 19.26
CA TYR A 118 5.99 7.68 20.56
C TYR A 118 6.80 8.96 20.49
N GLY A 119 6.52 9.86 21.44
CA GLY A 119 7.30 11.07 21.58
C GLY A 119 8.29 10.68 22.67
N VAL A 120 9.29 11.52 22.94
CA VAL A 120 10.30 11.18 23.93
C VAL A 120 9.72 11.16 25.35
N ASP A 121 8.50 11.65 25.49
CA ASP A 121 7.83 11.65 26.79
C ASP A 121 7.04 10.38 27.04
N GLY A 122 7.10 9.44 26.09
CA GLY A 122 6.38 8.19 26.27
C GLY A 122 4.91 8.27 25.92
N LYS A 123 4.50 9.38 25.31
CA LYS A 123 3.11 9.56 24.90
C LYS A 123 3.00 9.31 23.40
N LEU A 124 1.80 8.97 22.96
CA LEU A 124 1.58 8.65 21.55
C LEU A 124 0.94 9.71 20.69
N LEU A 125 1.33 9.72 19.42
CA LEU A 125 0.74 10.60 18.42
C LEU A 125 0.21 9.64 17.37
N GLN A 126 -1.10 9.67 17.14
CA GLN A 126 -1.73 8.78 16.17
C GLN A 126 -1.34 9.16 14.75
N LEU A 127 -0.94 8.18 13.96
CA LEU A 127 -0.55 8.49 12.60
C LEU A 127 -1.70 9.06 11.78
N GLN A 128 -2.93 8.67 12.07
CA GLN A 128 -4.04 9.21 11.29
C GLN A 128 -4.10 10.72 11.47
N GLU A 129 -3.74 11.21 12.65
CA GLU A 129 -3.74 12.66 12.88
C GLU A 129 -2.61 13.29 12.04
N VAL A 130 -1.50 12.57 11.90
CA VAL A 130 -0.37 13.07 11.10
C VAL A 130 -0.79 13.17 9.64
N PHE A 131 -1.36 12.11 9.08
CA PHE A 131 -1.74 12.18 7.65
C PHE A 131 -2.80 13.24 7.40
N GLN A 132 -3.69 13.42 8.37
CA GLN A 132 -4.75 14.41 8.22
C GLN A 132 -4.19 15.83 8.03
N LEU A 133 -3.08 16.15 8.69
CA LEU A 133 -2.48 17.48 8.58
C LEU A 133 -2.05 17.81 7.15
N PHE A 134 -1.83 16.76 6.34
CA PHE A 134 -1.36 16.96 4.97
C PHE A 134 -2.42 16.64 3.94
N ASP A 135 -3.68 16.43 4.38
CA ASP A 135 -4.72 16.06 3.43
C ASP A 135 -5.25 17.22 2.62
N ASN A 136 -6.17 16.95 1.69
CA ASN A 136 -6.66 18.00 0.82
C ASN A 136 -7.43 19.12 1.49
N ALA A 137 -7.97 18.83 2.66
CA ALA A 137 -8.73 19.85 3.37
C ALA A 137 -7.84 20.74 4.22
N ASN A 138 -6.92 20.12 4.97
CA ASN A 138 -6.05 20.88 5.84
C ASN A 138 -4.81 21.46 5.21
N CYS A 139 -4.38 20.86 4.10
CA CYS A 139 -3.19 21.33 3.41
C CYS A 139 -3.49 21.56 1.93
N PRO A 140 -4.30 22.57 1.63
CA PRO A 140 -4.65 22.84 0.24
C PRO A 140 -3.45 23.12 -0.65
N SER A 141 -2.36 23.60 -0.07
CA SER A 141 -1.20 23.93 -0.90
C SER A 141 -0.56 22.70 -1.51
N LEU A 142 -0.84 21.53 -0.94
CA LEU A 142 -0.28 20.30 -1.53
C LEU A 142 -1.36 19.49 -2.29
N GLN A 143 -2.54 20.06 -2.53
CA GLN A 143 -3.55 19.33 -3.28
C GLN A 143 -3.00 18.86 -4.63
N ASN A 144 -3.27 17.59 -4.93
CA ASN A 144 -2.86 16.97 -6.18
C ASN A 144 -1.37 16.76 -6.31
N LYS A 145 -0.60 17.04 -5.24
CA LYS A 145 0.84 16.84 -5.30
C LYS A 145 1.20 15.61 -4.49
N PRO A 146 2.21 14.88 -4.94
CA PRO A 146 2.61 13.66 -4.22
C PRO A 146 3.24 13.94 -2.86
N LYS A 147 2.75 13.22 -1.86
CA LYS A 147 3.21 13.39 -0.47
C LYS A 147 3.74 12.04 -0.01
N MET A 148 5.04 11.98 0.28
CA MET A 148 5.70 10.75 0.70
C MET A 148 5.92 10.72 2.20
N PHE A 149 5.64 9.56 2.82
CA PHE A 149 5.84 9.41 4.26
C PHE A 149 6.65 8.14 4.45
N PHE A 150 7.64 8.18 5.34
CA PHE A 150 8.44 6.97 5.60
C PHE A 150 8.41 6.83 7.09
N ILE A 151 7.94 5.68 7.59
CA ILE A 151 7.80 5.52 9.03
C ILE A 151 8.66 4.38 9.56
N GLN A 152 9.70 4.73 10.30
CA GLN A 152 10.58 3.75 10.89
C GLN A 152 10.18 3.71 12.37
N ALA A 153 9.35 2.75 12.73
CA ALA A 153 8.85 2.60 14.10
C ALA A 153 8.18 1.25 14.22
N CYS A 154 8.24 0.63 15.40
CA CYS A 154 7.57 -0.65 15.60
C CYS A 154 6.05 -0.47 15.50
N ARG A 155 5.36 -1.53 15.13
CA ARG A 155 3.91 -1.50 14.98
C ARG A 155 3.30 -2.59 15.85
N GLY A 156 4.02 -2.89 16.93
CA GLY A 156 3.61 -3.93 17.85
C GLY A 156 4.87 -4.54 18.45
N ASP A 157 4.68 -5.50 19.35
CA ASP A 157 5.82 -6.11 20.00
C ASP A 157 6.10 -7.54 19.53
N GLU A 158 5.44 -7.99 18.48
CA GLU A 158 5.72 -9.34 17.99
C GLU A 158 6.99 -9.32 17.14
N THR A 159 7.95 -10.18 17.46
CA THR A 159 9.18 -10.25 16.67
C THR A 159 8.97 -11.38 15.67
N ASP A 160 9.11 -11.11 14.36
CA ASP A 160 8.88 -12.16 13.37
C ASP A 160 10.01 -13.17 13.46
N ARG A 161 9.68 -14.41 13.80
CA ARG A 161 10.71 -15.43 13.93
C ARG A 161 11.18 -15.97 12.61
N GLY A 162 10.42 -15.72 11.54
CA GLY A 162 10.77 -16.24 10.23
C GLY A 162 10.29 -17.66 10.03
N VAL A 163 10.15 -18.06 8.77
CA VAL A 163 9.71 -19.42 8.46
C VAL A 163 10.60 -20.07 7.43
N ASP A 164 10.76 -21.38 7.54
CA ASP A 164 11.61 -22.09 6.61
C ASP A 164 10.97 -22.16 5.23
N GLN A 165 11.79 -21.95 4.22
CA GLN A 165 11.33 -22.01 2.85
C GLN A 165 11.21 -23.47 2.39
N GLN A 166 10.05 -23.83 1.85
CA GLN A 166 9.79 -25.18 1.37
C GLN A 166 10.21 -25.38 -0.08
N PRO B 7 -20.49 23.04 -11.49
CA PRO B 7 -20.11 21.63 -11.33
C PRO B 7 -18.64 21.38 -11.69
N LYS B 8 -17.76 21.66 -10.74
CA LYS B 8 -16.32 21.50 -10.93
C LYS B 8 -15.79 20.20 -10.28
N MET B 9 -14.70 19.67 -10.83
CA MET B 9 -14.08 18.45 -10.30
C MET B 9 -13.64 18.72 -8.85
N ARG B 10 -13.97 17.83 -7.94
CA ARG B 10 -13.60 17.99 -6.56
C ARG B 10 -12.69 16.85 -6.15
N LEU B 11 -12.15 16.92 -4.93
CA LEU B 11 -11.22 15.90 -4.46
C LEU B 11 -11.69 15.12 -3.25
N PRO B 12 -11.19 13.90 -3.09
CA PRO B 12 -11.57 13.13 -1.91
C PRO B 12 -10.85 13.94 -0.81
N THR B 13 -11.15 13.68 0.45
CA THR B 13 -10.47 14.41 1.53
C THR B 13 -8.97 14.11 1.60
N ARG B 14 -8.61 12.86 1.26
CA ARG B 14 -7.20 12.46 1.30
C ARG B 14 -6.83 11.71 0.01
N SER B 15 -5.75 12.09 -0.65
CA SER B 15 -5.31 11.40 -1.87
C SER B 15 -3.86 11.77 -2.17
N ASP B 16 -3.28 11.09 -3.15
CA ASP B 16 -1.91 11.39 -3.57
C ASP B 16 -0.86 11.25 -2.48
N MET B 17 -1.00 10.22 -1.64
CA MET B 17 0.02 9.97 -0.63
C MET B 17 0.58 8.58 -0.79
N ILE B 18 1.84 8.41 -0.40
CA ILE B 18 2.41 7.07 -0.38
C ILE B 18 3.13 6.98 0.94
N CYS B 19 2.90 5.90 1.68
CA CYS B 19 3.51 5.75 2.99
C CYS B 19 4.24 4.43 3.03
N GLY B 20 5.54 4.51 3.34
CA GLY B 20 6.36 3.30 3.46
C GLY B 20 6.52 3.01 4.94
N TYR B 21 6.30 1.75 5.31
CA TYR B 21 6.45 1.32 6.71
C TYR B 21 7.61 0.34 6.79
N ALA B 22 8.40 0.46 7.84
CA ALA B 22 9.54 -0.43 8.01
C ALA B 22 9.14 -1.87 8.34
N CYS B 23 7.95 -2.06 8.90
CA CYS B 23 7.52 -3.41 9.30
C CYS B 23 6.02 -3.52 9.12
N LEU B 24 5.47 -4.72 9.32
CA LEU B 24 4.05 -4.96 9.16
C LEU B 24 3.31 -4.78 10.49
N LYS B 25 2.02 -4.52 10.35
CA LYS B 25 1.12 -4.35 11.48
C LYS B 25 1.34 -5.47 12.50
N GLY B 26 1.48 -5.07 13.77
CA GLY B 26 1.68 -6.02 14.85
C GLY B 26 3.09 -6.45 15.15
N THR B 27 4.05 -6.03 14.33
CA THR B 27 5.41 -6.47 14.49
C THR B 27 6.42 -5.39 14.78
N ALA B 28 7.61 -5.84 15.16
CA ALA B 28 8.69 -4.95 15.47
C ALA B 28 9.54 -4.64 14.24
N ALA B 29 10.05 -3.42 14.16
CA ALA B 29 10.91 -3.02 13.04
C ALA B 29 12.31 -3.20 13.58
N MET B 30 13.22 -3.65 12.73
CA MET B 30 14.59 -3.91 13.18
C MET B 30 15.64 -2.83 12.92
N ARG B 31 16.51 -2.64 13.93
CA ARG B 31 17.59 -1.65 13.86
C ARG B 31 18.93 -2.19 14.34
N ASN B 32 19.96 -1.90 13.56
CA ASN B 32 21.31 -2.35 13.87
C ASN B 32 22.02 -1.22 14.62
N THR B 33 22.60 -1.56 15.77
CA THR B 33 23.29 -0.58 16.59
C THR B 33 24.36 0.23 15.85
N LYS B 34 24.94 -0.30 14.78
CA LYS B 34 25.96 0.43 14.03
C LYS B 34 25.54 0.92 12.65
N ARG B 35 24.78 0.11 11.93
CA ARG B 35 24.34 0.45 10.57
C ARG B 35 23.01 1.21 10.54
N GLY B 36 22.31 1.27 11.65
CA GLY B 36 21.04 1.95 11.66
C GLY B 36 19.93 0.97 11.31
N SER B 37 18.75 1.51 11.05
CA SER B 37 17.59 0.67 10.72
C SER B 37 17.75 -0.04 9.39
N TRP B 38 17.24 -1.26 9.31
CA TRP B 38 17.36 -2.04 8.08
C TRP B 38 16.62 -1.32 6.97
N TYR B 39 15.46 -0.76 7.32
CA TYR B 39 14.61 -0.10 6.33
C TYR B 39 15.23 1.17 5.75
N ILE B 40 15.75 2.02 6.64
CA ILE B 40 16.37 3.27 6.19
C ILE B 40 17.62 2.98 5.38
N GLU B 41 18.40 1.99 5.83
CA GLU B 41 19.61 1.63 5.10
C GLU B 41 19.26 1.22 3.67
N ALA B 42 18.23 0.39 3.53
CA ALA B 42 17.78 -0.09 2.21
C ALA B 42 17.19 1.06 1.38
N LEU B 43 16.39 1.89 2.03
CA LEU B 43 15.77 3.02 1.35
C LEU B 43 16.84 3.94 0.72
N ALA B 44 17.87 4.24 1.49
CA ALA B 44 18.91 5.12 0.97
C ALA B 44 19.71 4.48 -0.18
N GLN B 45 19.97 3.17 -0.06
CA GLN B 45 20.71 2.48 -1.12
C GLN B 45 19.90 2.47 -2.42
N VAL B 46 18.62 2.12 -2.33
CA VAL B 46 17.82 2.06 -3.53
C VAL B 46 17.55 3.45 -4.13
N PHE B 47 17.16 4.39 -3.29
CA PHE B 47 16.84 5.71 -3.80
C PHE B 47 18.06 6.39 -4.40
N SER B 48 19.22 6.22 -3.77
CA SER B 48 20.40 6.91 -4.33
C SER B 48 20.75 6.35 -5.69
N GLU B 49 20.68 5.04 -5.86
CA GLU B 49 21.04 4.47 -7.13
C GLU B 49 19.96 4.46 -8.21
N ARG B 50 18.69 4.42 -7.82
CA ARG B 50 17.63 4.27 -8.81
C ARG B 50 16.64 5.39 -8.99
N ALA B 51 16.72 6.46 -8.22
CA ALA B 51 15.75 7.53 -8.37
C ALA B 51 15.86 8.12 -9.77
N CYS B 52 17.04 7.97 -10.37
CA CYS B 52 17.26 8.48 -11.72
C CYS B 52 16.39 7.82 -12.77
N ASP B 53 15.93 6.58 -12.55
CA ASP B 53 15.15 5.88 -13.58
C ASP B 53 14.03 4.95 -13.11
N MET B 54 13.65 5.08 -11.84
CA MET B 54 12.60 4.24 -11.27
C MET B 54 11.65 5.11 -10.44
N HIS B 55 10.33 4.88 -10.53
CA HIS B 55 9.41 5.68 -9.72
C HIS B 55 9.41 5.19 -8.27
N VAL B 56 8.95 6.08 -7.38
CA VAL B 56 9.02 5.80 -5.95
C VAL B 56 8.33 4.53 -5.50
N ALA B 57 7.13 4.23 -6.02
CA ALA B 57 6.49 2.99 -5.59
C ALA B 57 7.33 1.80 -6.03
N ASP B 58 7.92 1.86 -7.24
CA ASP B 58 8.75 0.73 -7.67
C ASP B 58 10.05 0.63 -6.85
N MET B 59 10.59 1.78 -6.41
CA MET B 59 11.78 1.74 -5.57
C MET B 59 11.39 1.11 -4.24
N LEU B 60 10.17 1.38 -3.75
CA LEU B 60 9.77 0.76 -2.47
C LEU B 60 9.62 -0.75 -2.61
N VAL B 61 9.33 -1.23 -3.83
CA VAL B 61 9.26 -2.67 -4.07
C VAL B 61 10.68 -3.24 -3.97
N LYS B 62 11.68 -2.49 -4.48
CA LYS B 62 13.07 -2.96 -4.39
C LYS B 62 13.50 -2.97 -2.92
N VAL B 63 13.02 -2.01 -2.14
CA VAL B 63 13.33 -1.98 -0.70
C VAL B 63 12.70 -3.22 -0.05
N ASN B 64 11.46 -3.54 -0.42
CA ASN B 64 10.80 -4.73 0.12
C ASN B 64 11.67 -5.96 -0.14
N ALA B 65 12.21 -6.07 -1.35
CA ALA B 65 13.04 -7.24 -1.69
C ALA B 65 14.27 -7.34 -0.80
N LEU B 66 14.87 -6.19 -0.53
CA LEU B 66 16.07 -6.18 0.34
C LEU B 66 15.72 -6.60 1.76
N ILE B 67 14.61 -6.10 2.27
CA ILE B 67 14.20 -6.42 3.64
C ILE B 67 13.82 -7.88 3.78
N LYS B 68 13.12 -8.43 2.80
CA LYS B 68 12.71 -9.84 2.83
C LYS B 68 13.92 -10.75 2.95
N ASP B 69 15.01 -10.34 2.31
CA ASP B 69 16.25 -11.13 2.28
C ASP B 69 17.19 -10.90 3.45
N ARG B 70 16.87 -9.99 4.37
CA ARG B 70 17.78 -9.81 5.50
C ARG B 70 17.34 -10.53 6.75
N GLU B 71 18.29 -10.89 7.61
CA GLU B 71 17.90 -11.55 8.86
C GLU B 71 18.77 -11.00 9.98
N GLY B 72 18.23 -11.08 11.20
CA GLY B 72 18.89 -10.53 12.36
C GLY B 72 20.14 -11.22 12.84
N TYR B 73 21.04 -10.43 13.41
CA TYR B 73 22.28 -10.90 14.02
C TYR B 73 22.27 -10.36 15.45
N ALA B 74 22.05 -11.26 16.41
CA ALA B 74 21.98 -10.88 17.81
C ALA B 74 21.95 -12.16 18.63
N PRO B 75 23.03 -12.95 18.55
CA PRO B 75 23.09 -14.22 19.30
C PRO B 75 22.70 -14.09 20.78
N GLY B 76 21.97 -15.09 21.27
CA GLY B 76 21.55 -15.10 22.66
C GLY B 76 20.28 -14.32 22.94
N THR B 77 19.66 -13.79 21.89
CA THR B 77 18.42 -13.04 22.06
C THR B 77 17.37 -13.48 21.05
N GLU B 78 16.14 -13.06 21.27
CA GLU B 78 15.00 -13.40 20.41
C GLU B 78 15.14 -12.80 19.01
N PHE B 79 16.19 -12.01 18.81
CA PHE B 79 16.40 -11.38 17.52
C PHE B 79 17.36 -12.13 16.59
N HIS B 80 18.06 -13.15 17.08
CA HIS B 80 18.98 -13.85 16.20
C HIS B 80 18.21 -14.58 15.10
N ARG B 81 18.60 -14.27 13.87
CA ARG B 81 17.99 -14.77 12.62
C ARG B 81 16.55 -14.30 12.48
N CYS B 82 16.12 -13.32 13.28
CA CYS B 82 14.74 -12.85 13.16
C CYS B 82 14.55 -12.10 11.83
N LYS B 83 13.30 -11.87 11.48
CA LYS B 83 12.93 -11.25 10.22
C LYS B 83 12.01 -10.08 10.42
N GLU B 84 11.78 -9.38 9.32
CA GLU B 84 10.82 -8.29 9.32
C GLU B 84 10.42 -8.15 7.85
N MET B 85 9.30 -7.50 7.59
CA MET B 85 8.92 -7.27 6.21
C MET B 85 8.40 -5.84 6.13
N SER B 86 8.89 -5.08 5.16
CA SER B 86 8.39 -3.72 5.02
C SER B 86 7.19 -3.75 4.07
N GLU B 87 6.47 -2.64 3.97
CA GLU B 87 5.34 -2.58 3.03
C GLU B 87 5.13 -1.11 2.72
N TYR B 88 4.32 -0.84 1.70
CA TYR B 88 3.97 0.55 1.47
C TYR B 88 2.50 0.56 1.07
N CYS B 89 1.83 1.67 1.37
CA CYS B 89 0.42 1.81 0.99
C CYS B 89 0.35 3.06 0.13
N SER B 90 -0.48 3.02 -0.89
CA SER B 90 -0.50 4.14 -1.82
C SER B 90 -1.86 4.61 -2.32
N THR B 91 -2.05 5.93 -2.27
CA THR B 91 -3.22 6.56 -2.89
C THR B 91 -2.66 7.43 -4.03
N LEU B 92 -1.48 7.08 -4.55
CA LEU B 92 -0.96 7.88 -5.67
C LEU B 92 -1.81 7.58 -6.90
N CYS B 93 -1.87 8.58 -7.80
CA CYS B 93 -2.68 8.49 -9.02
C CYS B 93 -1.87 8.60 -10.31
N ARG B 94 -0.57 8.72 -10.16
CA ARG B 94 0.35 8.78 -11.29
C ARG B 94 1.68 8.22 -10.83
N HIS B 95 2.58 7.96 -11.78
CA HIS B 95 3.93 7.55 -11.44
C HIS B 95 4.60 8.70 -10.71
N LEU B 96 5.42 8.37 -9.72
CA LEU B 96 6.11 9.40 -8.97
C LEU B 96 7.62 9.28 -9.24
N TYR B 97 8.10 10.03 -10.24
CA TYR B 97 9.55 10.05 -10.55
C TYR B 97 10.12 11.31 -9.92
N LEU B 98 11.29 11.20 -9.31
CA LEU B 98 11.88 12.35 -8.65
C LEU B 98 12.77 13.17 -9.57
N PHE B 99 13.08 12.60 -10.73
CA PHE B 99 13.90 13.27 -11.75
C PHE B 99 15.10 13.99 -11.17
N PRO B 100 15.93 13.27 -10.42
CA PRO B 100 17.09 13.94 -9.83
C PRO B 100 18.06 14.55 -10.82
N GLY B 101 18.53 15.74 -10.48
CA GLY B 101 19.51 16.41 -11.33
C GLY B 101 19.01 16.88 -12.68
N HIS B 102 17.70 17.00 -12.84
CA HIS B 102 17.17 17.52 -14.10
C HIS B 102 16.24 18.68 -13.81
N PRO B 103 16.53 19.87 -14.39
CA PRO B 103 17.67 20.18 -15.26
C PRO B 103 18.98 20.29 -14.50
N PRO B 104 20.11 20.17 -15.21
CA PRO B 104 21.48 20.24 -14.70
C PRO B 104 21.88 21.65 -14.20
N LEU C 2 24.72 -4.94 16.45
CA LEU C 2 23.73 -5.94 16.87
C LEU C 2 22.32 -5.41 16.58
N ASP C 3 21.39 -6.32 16.20
CA ASP C 3 20.02 -5.90 15.90
C ASP C 3 19.11 -5.95 17.14
N GLU C 4 18.33 -4.85 17.25
CA GLU C 4 17.34 -4.58 18.31
C GLU C 4 16.04 -4.13 17.63
N SER C 5 14.93 -4.10 18.38
CA SER C 5 13.63 -3.68 17.81
C SER C 5 13.25 -2.26 18.22
N CYS D 7 -18.98 -8.21 -22.02
CA CYS D 7 -18.63 -6.77 -22.17
C CYS D 7 -17.12 -6.56 -22.04
N LEU D 8 -16.46 -7.43 -21.29
CA LEU D 8 -15.02 -7.34 -21.07
C LEU D 8 -14.18 -8.09 -22.11
N GLN D 9 -13.04 -7.51 -22.44
CA GLN D 9 -12.10 -8.10 -23.38
C GLN D 9 -10.69 -7.81 -22.87
N VAL D 10 -9.88 -8.85 -22.67
CA VAL D 10 -8.52 -8.65 -22.21
C VAL D 10 -7.51 -8.65 -23.35
N LYS D 11 -6.91 -7.49 -23.60
CA LYS D 11 -5.92 -7.34 -24.65
C LYS D 11 -4.70 -8.18 -24.26
N PRO D 12 -4.22 -9.04 -25.19
CA PRO D 12 -3.06 -9.88 -24.89
C PRO D 12 -1.75 -9.13 -24.95
N CYS D 13 -0.76 -9.63 -24.22
CA CYS D 13 0.56 -9.01 -24.21
C CYS D 13 1.28 -9.55 -25.44
N THR D 14 2.31 -8.85 -25.92
CA THR D 14 3.06 -9.30 -27.09
C THR D 14 4.22 -10.21 -26.67
N PRO D 15 4.74 -11.03 -27.59
CA PRO D 15 5.86 -11.88 -27.18
C PRO D 15 7.09 -11.03 -26.89
N GLU D 16 7.23 -9.90 -27.58
CA GLU D 16 8.37 -9.03 -27.33
C GLU D 16 8.24 -8.46 -25.93
N PHE D 17 7.02 -8.17 -25.51
CA PHE D 17 6.84 -7.60 -24.18
C PHE D 17 7.30 -8.62 -23.14
N TYR D 18 6.87 -9.86 -23.28
CA TYR D 18 7.28 -10.89 -22.34
C TYR D 18 8.81 -10.99 -22.32
N GLN D 19 9.41 -11.07 -23.51
CA GLN D 19 10.85 -11.20 -23.59
C GLN D 19 11.66 -10.09 -22.96
N THR D 20 11.10 -8.91 -22.87
CA THR D 20 11.85 -7.80 -22.31
C THR D 20 11.45 -7.48 -20.86
N HIS D 21 10.48 -8.22 -20.33
CA HIS D 21 10.04 -7.96 -18.97
C HIS D 21 10.00 -9.15 -18.02
N PHE D 22 10.20 -10.36 -18.49
CA PHE D 22 10.12 -11.49 -17.58
C PHE D 22 11.25 -11.54 -16.55
N GLN D 23 12.39 -10.97 -16.88
CA GLN D 23 13.54 -11.04 -15.97
C GLN D 23 13.43 -10.24 -14.66
N LEU D 24 12.57 -9.23 -14.62
CA LEU D 24 12.44 -8.47 -13.38
C LEU D 24 11.05 -8.64 -12.79
N ALA D 25 10.39 -9.74 -13.14
CA ALA D 25 9.05 -9.93 -12.64
C ALA D 25 8.88 -11.27 -11.98
N TYR D 26 7.80 -11.43 -11.23
CA TYR D 26 7.53 -12.71 -10.64
C TYR D 26 7.29 -13.67 -11.81
N ARG D 27 7.60 -14.95 -11.58
CA ARG D 27 7.34 -15.98 -12.61
C ARG D 27 5.82 -16.07 -12.71
N LEU D 28 5.27 -15.93 -13.91
CA LEU D 28 3.82 -15.98 -14.07
C LEU D 28 3.50 -16.50 -15.46
N GLN D 29 3.61 -17.81 -15.61
CA GLN D 29 3.38 -18.42 -16.92
C GLN D 29 2.61 -19.73 -16.84
N SER D 30 2.31 -20.19 -15.65
CA SER D 30 1.57 -21.45 -15.51
C SER D 30 0.16 -21.39 -16.10
N ARG D 31 -0.39 -22.56 -16.37
CA ARG D 31 -1.75 -22.72 -16.87
C ARG D 31 -2.40 -23.71 -15.92
N PRO D 32 -3.39 -23.26 -15.13
CA PRO D 32 -3.92 -21.89 -15.07
C PRO D 32 -2.89 -20.97 -14.42
N ARG D 33 -3.09 -19.67 -14.54
CA ARG D 33 -2.18 -18.69 -13.94
C ARG D 33 -2.21 -18.82 -12.44
N GLY D 34 -3.32 -19.37 -11.96
CA GLY D 34 -3.52 -19.57 -10.55
C GLY D 34 -4.98 -19.80 -10.31
N LEU D 35 -5.35 -20.04 -9.06
CA LEU D 35 -6.74 -20.18 -8.71
C LEU D 35 -7.18 -18.81 -8.27
N ALA D 36 -8.44 -18.46 -8.53
CA ALA D 36 -8.95 -17.16 -8.09
C ALA D 36 -10.22 -17.49 -7.34
N LEU D 37 -10.48 -16.79 -6.24
CA LEU D 37 -11.72 -17.00 -5.51
C LEU D 37 -12.46 -15.67 -5.48
N VAL D 38 -13.75 -15.68 -5.85
CA VAL D 38 -14.56 -14.46 -5.79
C VAL D 38 -15.65 -14.79 -4.78
N LEU D 39 -15.65 -14.07 -3.66
CA LEU D 39 -16.62 -14.29 -2.59
C LEU D 39 -17.47 -13.04 -2.46
N SER D 40 -18.75 -13.17 -2.75
CA SER D 40 -19.67 -12.03 -2.67
C SER D 40 -20.85 -12.30 -1.77
N ASN D 41 -21.07 -11.37 -0.86
CA ASN D 41 -22.22 -11.41 0.03
C ASN D 41 -23.08 -10.21 -0.36
N VAL D 42 -24.34 -10.47 -0.71
CA VAL D 42 -25.25 -9.38 -1.09
C VAL D 42 -26.53 -9.37 -0.24
N HIS D 43 -26.96 -10.54 0.24
CA HIS D 43 -28.19 -10.60 1.04
C HIS D 43 -27.86 -10.96 2.49
N PHE D 44 -28.11 -10.03 3.40
CA PHE D 44 -27.80 -10.19 4.82
C PHE D 44 -29.04 -10.45 5.66
N THR D 45 -28.88 -11.33 6.64
CA THR D 45 -30.00 -11.75 7.49
C THR D 45 -29.77 -11.88 9.00
N GLY D 46 -28.74 -11.26 9.56
CA GLY D 46 -28.52 -11.42 10.98
C GLY D 46 -29.25 -10.44 11.89
N GLU D 47 -28.94 -10.50 13.18
CA GLU D 47 -29.54 -9.59 14.14
C GLU D 47 -29.11 -8.18 13.72
N LYS D 48 -27.82 -8.02 13.46
CA LYS D 48 -27.27 -6.75 13.00
C LYS D 48 -27.77 -6.63 11.56
N GLU D 49 -28.68 -5.69 11.32
CA GLU D 49 -29.25 -5.50 9.99
C GLU D 49 -28.29 -4.81 9.04
N LEU D 50 -28.18 -5.32 7.82
CA LEU D 50 -27.29 -4.75 6.82
C LEU D 50 -28.07 -4.71 5.51
N GLU D 51 -27.99 -3.60 4.81
CA GLU D 51 -28.74 -3.44 3.56
C GLU D 51 -28.32 -4.30 2.38
N PHE D 52 -29.31 -4.80 1.66
CA PHE D 52 -29.09 -5.61 0.47
C PHE D 52 -28.15 -4.81 -0.44
N ARG D 53 -27.12 -5.47 -0.95
CA ARG D 53 -26.14 -4.78 -1.81
C ARG D 53 -26.53 -4.85 -3.30
N SER D 54 -27.44 -3.99 -3.71
CA SER D 54 -27.87 -3.97 -5.11
C SER D 54 -26.68 -3.58 -5.96
N GLY D 55 -26.51 -4.26 -7.07
CA GLY D 55 -25.39 -4.00 -7.96
C GLY D 55 -24.24 -4.95 -7.65
N GLY D 56 -24.33 -5.63 -6.51
CA GLY D 56 -23.29 -6.59 -6.13
C GLY D 56 -23.20 -7.74 -7.14
N ASP D 57 -24.33 -8.00 -7.80
CA ASP D 57 -24.38 -9.04 -8.81
C ASP D 57 -23.50 -8.63 -9.99
N VAL D 58 -23.51 -7.35 -10.34
CA VAL D 58 -22.69 -6.88 -11.45
C VAL D 58 -21.20 -7.07 -11.12
N ASP D 59 -20.82 -6.73 -9.89
CA ASP D 59 -19.41 -6.88 -9.48
C ASP D 59 -18.99 -8.34 -9.58
N HIS D 60 -19.82 -9.21 -9.03
CA HIS D 60 -19.52 -10.62 -9.06
C HIS D 60 -19.29 -11.16 -10.47
N SER D 61 -20.23 -10.93 -11.39
CA SER D 61 -20.05 -11.43 -12.76
C SER D 61 -18.85 -10.75 -13.44
N THR D 62 -18.68 -9.47 -13.20
CA THR D 62 -17.55 -8.77 -13.82
C THR D 62 -16.22 -9.40 -13.40
N LEU D 63 -16.05 -9.71 -12.11
CA LEU D 63 -14.77 -10.29 -11.66
C LEU D 63 -14.58 -11.73 -12.09
N VAL D 64 -15.66 -12.51 -12.09
CA VAL D 64 -15.56 -13.89 -12.53
C VAL D 64 -15.07 -13.86 -13.97
N THR D 65 -15.68 -13.02 -14.81
CA THR D 65 -15.28 -12.92 -16.20
C THR D 65 -13.85 -12.42 -16.35
N LEU D 66 -13.53 -11.33 -15.65
CA LEU D 66 -12.19 -10.78 -15.72
C LEU D 66 -11.12 -11.81 -15.36
N PHE D 67 -11.30 -12.48 -14.24
CA PHE D 67 -10.29 -13.43 -13.82
C PHE D 67 -10.17 -14.63 -14.76
N LYS D 68 -11.29 -15.05 -15.32
CA LYS D 68 -11.24 -16.15 -16.28
C LYS D 68 -10.45 -15.72 -17.50
N LEU D 69 -10.70 -14.51 -18.00
CA LEU D 69 -10.01 -14.01 -19.17
C LEU D 69 -8.52 -13.81 -18.92
N LEU D 70 -8.15 -13.61 -17.66
CA LEU D 70 -6.75 -13.41 -17.30
C LEU D 70 -6.03 -14.75 -17.08
N GLY D 71 -6.75 -15.84 -17.31
CA GLY D 71 -6.11 -17.14 -17.18
C GLY D 71 -6.23 -17.89 -15.87
N TYR D 72 -7.12 -17.45 -14.99
CA TYR D 72 -7.30 -18.10 -13.69
C TYR D 72 -8.44 -19.09 -13.66
N ASP D 73 -8.30 -20.08 -12.78
CA ASP D 73 -9.33 -21.08 -12.55
C ASP D 73 -10.15 -20.43 -11.42
N VAL D 74 -11.34 -19.93 -11.76
CA VAL D 74 -12.17 -19.22 -10.78
C VAL D 74 -13.16 -20.00 -9.92
N HIS D 75 -12.98 -19.86 -8.62
CA HIS D 75 -13.86 -20.46 -7.64
C HIS D 75 -14.78 -19.34 -7.16
N VAL D 76 -16.04 -19.69 -6.87
CA VAL D 76 -16.98 -18.69 -6.42
C VAL D 76 -17.72 -19.11 -5.18
N LEU D 77 -18.07 -18.13 -4.36
CA LEU D 77 -18.82 -18.34 -3.14
C LEU D 77 -19.75 -17.15 -2.98
N CYS D 78 -21.01 -17.41 -2.64
CA CYS D 78 -22.00 -16.36 -2.47
C CYS D 78 -22.75 -16.49 -1.17
N ASP D 79 -23.02 -15.36 -0.53
CA ASP D 79 -23.78 -15.26 0.70
C ASP D 79 -23.42 -16.28 1.77
N GLN D 80 -22.23 -16.08 2.33
CA GLN D 80 -21.68 -16.94 3.34
C GLN D 80 -21.62 -16.27 4.69
N THR D 81 -21.78 -17.04 5.77
CA THR D 81 -21.69 -16.50 7.13
C THR D 81 -20.20 -16.24 7.42
N ALA D 82 -19.90 -15.54 8.51
CA ALA D 82 -18.52 -15.26 8.86
C ALA D 82 -17.76 -16.58 9.07
N GLN D 83 -18.40 -17.52 9.76
CA GLN D 83 -17.74 -18.79 9.98
C GLN D 83 -17.50 -19.56 8.69
N GLU D 84 -18.48 -19.55 7.78
CA GLU D 84 -18.35 -20.24 6.51
C GLU D 84 -17.23 -19.61 5.67
N MET D 85 -17.13 -18.29 5.72
CA MET D 85 -16.08 -17.60 4.96
C MET D 85 -14.72 -18.05 5.46
N GLN D 86 -14.54 -18.04 6.78
CA GLN D 86 -13.25 -18.43 7.35
C GLN D 86 -12.89 -19.86 6.98
N GLU D 87 -13.86 -20.77 7.09
CA GLU D 87 -13.59 -22.18 6.79
C GLU D 87 -13.28 -22.46 5.35
N LYS D 88 -14.06 -21.85 4.46
CA LYS D 88 -13.88 -22.08 3.05
C LYS D 88 -12.69 -21.32 2.47
N LEU D 89 -12.35 -20.19 3.08
CA LEU D 89 -11.15 -19.47 2.60
C LEU D 89 -9.95 -20.32 3.02
N GLN D 90 -10.01 -20.91 4.23
CA GLN D 90 -8.90 -21.74 4.69
C GLN D 90 -8.81 -22.97 3.80
N ASN D 91 -9.96 -23.56 3.45
CA ASN D 91 -9.95 -24.71 2.59
C ASN D 91 -9.36 -24.35 1.22
N PHE D 92 -9.68 -23.16 0.74
CA PHE D 92 -9.18 -22.70 -0.56
C PHE D 92 -7.66 -22.51 -0.51
N ALA D 93 -7.18 -21.87 0.55
CA ALA D 93 -5.75 -21.62 0.69
C ALA D 93 -4.98 -22.93 0.80
N GLN D 94 -5.61 -23.95 1.38
CA GLN D 94 -4.96 -25.26 1.57
C GLN D 94 -5.01 -26.21 0.37
N LEU D 95 -5.66 -25.80 -0.72
CA LEU D 95 -5.77 -26.67 -1.90
C LEU D 95 -4.42 -27.03 -2.51
N PRO D 96 -4.27 -28.30 -2.93
CA PRO D 96 -3.04 -28.81 -3.54
C PRO D 96 -2.73 -28.19 -4.89
N ALA D 97 -3.77 -27.69 -5.58
CA ALA D 97 -3.56 -27.11 -6.89
C ALA D 97 -2.61 -25.91 -6.84
N HIS D 98 -2.53 -25.23 -5.69
CA HIS D 98 -1.60 -24.08 -5.60
C HIS D 98 -0.15 -24.50 -5.84
N ARG D 99 0.18 -25.75 -5.55
CA ARG D 99 1.55 -26.19 -5.75
C ARG D 99 1.99 -26.12 -7.23
N VAL D 100 1.06 -26.15 -8.16
CA VAL D 100 1.41 -26.11 -9.58
C VAL D 100 0.99 -24.86 -10.33
N THR D 101 0.66 -23.80 -9.59
CA THR D 101 0.30 -22.55 -10.26
C THR D 101 1.28 -21.52 -9.79
N ASP D 102 1.28 -20.36 -10.44
CA ASP D 102 2.24 -19.32 -10.12
C ASP D 102 1.78 -18.13 -9.31
N SER D 103 0.48 -18.02 -9.05
CA SER D 103 -0.05 -16.87 -8.32
C SER D 103 -1.42 -17.20 -7.75
N CYS D 104 -1.98 -16.25 -7.01
CA CYS D 104 -3.30 -16.46 -6.41
C CYS D 104 -4.08 -15.15 -6.38
N ILE D 105 -5.40 -15.23 -6.54
CA ILE D 105 -6.26 -14.04 -6.46
C ILE D 105 -7.44 -14.33 -5.55
N VAL D 106 -7.72 -13.44 -4.62
CA VAL D 106 -8.88 -13.56 -3.75
C VAL D 106 -9.59 -12.20 -3.77
N ALA D 107 -10.89 -12.20 -4.08
CA ALA D 107 -11.67 -10.94 -4.09
C ALA D 107 -12.79 -11.13 -3.09
N LEU D 108 -12.93 -10.17 -2.18
CA LEU D 108 -13.96 -10.25 -1.14
C LEU D 108 -14.88 -9.05 -1.32
N LEU D 109 -16.19 -9.32 -1.44
CA LEU D 109 -17.14 -8.23 -1.67
C LEU D 109 -18.28 -8.35 -0.68
N SER D 110 -18.44 -7.35 0.16
CA SER D 110 -19.47 -7.42 1.19
C SER D 110 -19.56 -6.11 1.96
N HIS D 111 -20.32 -6.11 3.05
CA HIS D 111 -20.32 -4.97 3.92
C HIS D 111 -19.10 -5.19 4.81
N GLY D 112 -18.66 -4.15 5.49
CA GLY D 112 -17.52 -4.29 6.39
C GLY D 112 -17.32 -3.11 7.32
N VAL D 113 -16.27 -3.20 8.15
CA VAL D 113 -15.87 -2.14 9.07
C VAL D 113 -14.36 -2.09 8.91
N GLU D 114 -13.70 -1.14 9.56
CA GLU D 114 -12.24 -1.08 9.41
C GLU D 114 -11.62 -2.38 9.87
N GLY D 115 -10.87 -3.02 8.97
CA GLY D 115 -10.19 -4.27 9.28
C GLY D 115 -10.97 -5.56 9.31
N ALA D 116 -12.25 -5.51 8.91
CA ALA D 116 -13.06 -6.72 8.96
C ALA D 116 -14.23 -6.66 7.99
N ILE D 117 -14.67 -7.83 7.55
CA ILE D 117 -15.80 -7.89 6.64
C ILE D 117 -16.94 -8.70 7.23
N TYR D 118 -18.16 -8.35 6.83
CA TYR D 118 -19.32 -9.08 7.33
C TYR D 118 -19.73 -10.31 6.58
N GLY D 119 -20.18 -11.32 7.32
CA GLY D 119 -20.74 -12.50 6.68
C GLY D 119 -22.24 -12.17 6.60
N VAL D 120 -23.02 -13.00 5.93
CA VAL D 120 -24.45 -12.74 5.82
C VAL D 120 -25.19 -12.81 7.15
N ASP D 121 -24.55 -13.36 8.18
CA ASP D 121 -25.18 -13.44 9.50
C ASP D 121 -24.92 -12.20 10.32
N GLY D 122 -24.34 -11.19 9.70
CA GLY D 122 -24.03 -9.97 10.42
C GLY D 122 -22.86 -10.12 11.39
N LYS D 123 -22.10 -11.20 11.26
CA LYS D 123 -20.93 -11.41 12.13
C LYS D 123 -19.67 -11.05 11.33
N LEU D 124 -18.61 -10.63 12.02
CA LEU D 124 -17.37 -10.19 11.36
C LEU D 124 -16.26 -11.20 11.29
N LEU D 125 -15.49 -11.10 10.19
CA LEU D 125 -14.32 -11.94 10.00
C LEU D 125 -13.19 -10.93 9.83
N GLN D 126 -12.20 -11.00 10.70
CA GLN D 126 -11.07 -10.06 10.66
C GLN D 126 -10.23 -10.30 9.42
N LEU D 127 -9.86 -9.23 8.74
CA LEU D 127 -9.07 -9.40 7.53
C LEU D 127 -7.68 -9.93 7.84
N GLN D 128 -7.14 -9.58 8.99
CA GLN D 128 -5.81 -10.10 9.31
C GLN D 128 -5.78 -11.62 9.32
N GLU D 129 -6.86 -12.25 9.79
CA GLU D 129 -6.94 -13.71 9.79
C GLU D 129 -7.02 -14.24 8.36
N VAL D 130 -7.66 -13.48 7.47
CA VAL D 130 -7.80 -13.89 6.08
C VAL D 130 -6.42 -13.89 5.40
N PHE D 131 -5.69 -12.79 5.48
CA PHE D 131 -4.38 -12.74 4.84
C PHE D 131 -3.47 -13.82 5.42
N GLN D 132 -3.57 -14.05 6.74
CA GLN D 132 -2.73 -15.06 7.40
C GLN D 132 -2.91 -16.43 6.79
N LEU D 133 -4.11 -16.73 6.34
CA LEU D 133 -4.36 -18.06 5.72
C LEU D 133 -3.47 -18.29 4.49
N PHE D 134 -3.00 -17.19 3.87
CA PHE D 134 -2.21 -17.29 2.66
C PHE D 134 -0.75 -16.93 2.85
N ASP D 135 -0.32 -16.77 4.09
CA ASP D 135 1.06 -16.34 4.33
C ASP D 135 2.10 -17.45 4.21
N ASN D 136 3.35 -17.09 4.41
CA ASN D 136 4.44 -18.03 4.20
C ASN D 136 4.45 -19.15 5.21
N ALA D 137 3.88 -18.88 6.37
CA ALA D 137 3.85 -19.88 7.44
C ALA D 137 2.73 -20.87 7.22
N ASN D 138 1.54 -20.35 6.90
CA ASN D 138 0.39 -21.22 6.78
C ASN D 138 0.09 -21.77 5.42
N CYS D 139 0.62 -21.13 4.38
CA CYS D 139 0.40 -21.56 3.03
C CYS D 139 1.74 -21.76 2.30
N PRO D 140 2.46 -22.82 2.65
CA PRO D 140 3.75 -23.10 2.01
C PRO D 140 3.69 -23.21 0.49
N SER D 141 2.57 -23.71 -0.07
CA SER D 141 2.46 -23.85 -1.51
C SER D 141 2.51 -22.53 -2.27
N LEU D 142 2.20 -21.43 -1.60
CA LEU D 142 2.26 -20.14 -2.27
C LEU D 142 3.47 -19.31 -1.85
N GLN D 143 4.40 -19.90 -1.13
CA GLN D 143 5.59 -19.14 -0.74
C GLN D 143 6.29 -18.56 -1.98
N ASN D 144 6.64 -17.28 -1.88
CA ASN D 144 7.35 -16.52 -2.93
C ASN D 144 6.56 -16.24 -4.19
N LYS D 145 5.29 -16.64 -4.22
CA LYS D 145 4.42 -16.43 -5.38
C LYS D 145 3.54 -15.23 -5.08
N PRO D 146 3.25 -14.40 -6.09
CA PRO D 146 2.42 -13.21 -5.88
C PRO D 146 0.99 -13.56 -5.56
N LYS D 147 0.47 -12.92 -4.52
CA LYS D 147 -0.89 -13.15 -4.05
C LYS D 147 -1.62 -11.82 -4.04
N MET D 148 -2.69 -11.73 -4.83
CA MET D 148 -3.46 -10.50 -4.95
C MET D 148 -4.76 -10.61 -4.19
N PHE D 149 -5.13 -9.54 -3.50
CA PHE D 149 -6.41 -9.48 -2.76
C PHE D 149 -7.12 -8.19 -3.14
N PHE D 150 -8.43 -8.28 -3.41
CA PHE D 150 -9.20 -7.06 -3.73
C PHE D 150 -10.37 -7.06 -2.77
N ILE D 151 -10.52 -5.97 -2.03
CA ILE D 151 -11.59 -5.90 -1.03
C ILE D 151 -12.54 -4.74 -1.25
N GLN D 152 -13.75 -5.08 -1.69
CA GLN D 152 -14.82 -4.11 -1.88
C GLN D 152 -15.71 -4.25 -0.65
N ALA D 153 -15.54 -3.34 0.30
CA ALA D 153 -16.31 -3.33 1.54
C ALA D 153 -16.03 -2.02 2.26
N CYS D 154 -17.01 -1.52 3.01
CA CYS D 154 -16.81 -0.29 3.75
C CYS D 154 -15.80 -0.52 4.87
N ARG D 155 -15.14 0.56 5.28
CA ARG D 155 -14.15 0.50 6.34
C ARG D 155 -14.53 1.48 7.42
N GLY D 156 -15.83 1.74 7.51
CA GLY D 156 -16.33 2.71 8.47
C GLY D 156 -17.61 3.27 7.90
N ASP D 157 -18.29 4.15 8.64
CA ASP D 157 -19.55 4.68 8.12
C ASP D 157 -19.50 6.15 7.78
N GLU D 158 -18.32 6.76 7.85
CA GLU D 158 -18.21 8.17 7.51
C GLU D 158 -18.22 8.34 5.98
N THR D 159 -19.03 9.27 5.50
CA THR D 159 -19.10 9.53 4.08
C THR D 159 -18.14 10.69 3.83
N ASP D 160 -17.38 10.61 2.76
CA ASP D 160 -16.45 11.69 2.45
C ASP D 160 -17.18 12.72 1.60
N ARG D 161 -17.39 13.91 2.17
CA ARG D 161 -18.06 14.98 1.45
C ARG D 161 -17.17 15.59 0.38
N GLY D 162 -15.87 15.30 0.47
CA GLY D 162 -14.93 15.82 -0.51
C GLY D 162 -14.56 17.27 -0.22
N VAL D 163 -13.61 17.78 -1.00
CA VAL D 163 -13.15 19.16 -0.83
C VAL D 163 -13.02 19.83 -2.20
N ASP D 164 -13.27 21.14 -2.23
CA ASP D 164 -13.15 21.83 -3.51
C ASP D 164 -11.67 21.99 -3.84
N GLN D 165 -11.34 22.04 -5.11
CA GLN D 165 -9.96 22.28 -5.49
C GLN D 165 -9.72 23.75 -5.20
N GLN D 166 -8.61 24.03 -4.53
CA GLN D 166 -8.20 25.38 -4.12
C GLN D 166 -7.42 26.15 -5.20
N ASP D 167 -7.74 27.42 -5.41
CA ASP D 167 -7.02 28.26 -6.39
C ASP D 167 -5.90 29.06 -5.72
N PRO E 7 23.05 -22.01 6.68
CA PRO E 7 21.87 -22.14 7.55
C PRO E 7 20.54 -22.11 6.79
N LYS E 8 20.56 -21.61 5.55
CA LYS E 8 19.36 -21.51 4.71
C LYS E 8 18.54 -20.27 5.09
N MET E 9 18.43 -19.32 4.16
CA MET E 9 17.67 -18.09 4.41
C MET E 9 16.21 -18.44 4.71
N ARG E 10 15.63 -17.72 5.64
CA ARG E 10 14.23 -17.95 5.97
C ARG E 10 13.44 -16.82 5.37
N LEU E 11 12.13 -16.97 5.35
CA LEU E 11 11.23 -15.93 4.86
C LEU E 11 10.56 -15.22 6.00
N PRO E 12 10.12 -13.98 5.76
CA PRO E 12 9.40 -13.28 6.82
C PRO E 12 8.06 -14.08 6.83
N THR E 13 7.24 -13.86 7.84
CA THR E 13 5.99 -14.60 7.93
C THR E 13 5.02 -14.28 6.78
N ARG E 14 5.01 -13.01 6.38
CA ARG E 14 4.13 -12.59 5.30
C ARG E 14 4.88 -11.71 4.28
N SER E 15 4.78 -12.06 3.01
CA SER E 15 5.42 -11.27 1.95
C SER E 15 4.74 -11.59 0.62
N ASP E 16 5.10 -10.84 -0.41
CA ASP E 16 4.58 -11.07 -1.76
C ASP E 16 3.08 -10.97 -1.91
N MET E 17 2.47 -10.07 -1.15
CA MET E 17 1.02 -9.87 -1.26
C MET E 17 0.73 -8.44 -1.71
N ILE E 18 -0.39 -8.24 -2.41
CA ILE E 18 -0.76 -6.87 -2.72
C ILE E 18 -2.25 -6.85 -2.50
N CYS E 19 -2.72 -5.86 -1.74
CA CYS E 19 -4.14 -5.78 -1.45
C CYS E 19 -4.69 -4.44 -1.86
N GLY E 20 -5.75 -4.48 -2.67
CA GLY E 20 -6.41 -3.28 -3.14
C GLY E 20 -7.68 -3.10 -2.34
N TYR E 21 -7.86 -1.89 -1.81
CA TYR E 21 -9.05 -1.56 -1.03
C TYR E 21 -9.86 -0.50 -1.78
N ALA E 22 -11.18 -0.65 -1.77
CA ALA E 22 -12.03 0.30 -2.45
C ALA E 22 -12.07 1.67 -1.79
N CYS E 23 -11.80 1.73 -0.50
CA CYS E 23 -11.85 3.01 0.20
C CYS E 23 -10.80 3.04 1.30
N LEU E 24 -10.71 4.18 1.97
CA LEU E 24 -9.75 4.37 3.06
C LEU E 24 -10.35 4.06 4.42
N LYS E 25 -9.44 3.80 5.35
CA LYS E 25 -9.83 3.51 6.74
C LYS E 25 -10.78 4.59 7.26
N GLY E 26 -11.87 4.14 7.88
CA GLY E 26 -12.85 5.04 8.47
C GLY E 26 -13.97 5.48 7.56
N THR E 27 -13.86 5.14 6.28
CA THR E 27 -14.83 5.58 5.28
C THR E 27 -15.64 4.50 4.59
N ALA E 28 -16.75 4.89 3.97
CA ALA E 28 -17.58 3.96 3.24
C ALA E 28 -17.08 3.84 1.80
N ALA E 29 -17.35 2.69 1.19
CA ALA E 29 -16.98 2.45 -0.21
C ALA E 29 -18.29 2.62 -0.97
N MET E 30 -18.23 3.11 -2.19
CA MET E 30 -19.45 3.34 -2.97
C MET E 30 -19.81 2.29 -4.03
N ARG E 31 -21.09 1.99 -4.14
CA ARG E 31 -21.58 0.98 -5.07
C ARG E 31 -22.75 1.55 -5.82
N ASN E 32 -22.69 1.48 -7.13
CA ASN E 32 -23.77 2.00 -7.95
C ASN E 32 -24.74 0.85 -8.20
N THR E 33 -26.03 1.11 -8.04
CA THR E 33 -26.99 0.02 -8.22
C THR E 33 -27.05 -0.60 -9.60
N LYS E 34 -26.64 0.13 -10.63
CA LYS E 34 -26.67 -0.42 -11.98
C LYS E 34 -25.30 -0.82 -12.51
N ARG E 35 -24.28 -0.03 -12.19
CA ARG E 35 -22.93 -0.30 -12.70
C ARG E 35 -22.04 -1.09 -11.73
N GLY E 36 -22.53 -1.31 -10.51
CA GLY E 36 -21.74 -2.04 -9.53
C GLY E 36 -20.85 -1.08 -8.76
N SER E 37 -19.88 -1.61 -8.02
CA SER E 37 -19.03 -0.72 -7.22
C SER E 37 -18.09 0.09 -8.09
N TRP E 38 -17.81 1.30 -7.64
CA TRP E 38 -16.90 2.15 -8.40
C TRP E 38 -15.56 1.45 -8.54
N TYR E 39 -15.10 0.86 -7.44
CA TYR E 39 -13.78 0.23 -7.44
C TYR E 39 -13.69 -0.95 -8.39
N ILE E 40 -14.65 -1.87 -8.32
CA ILE E 40 -14.63 -3.04 -9.20
C ILE E 40 -14.77 -2.64 -10.67
N GLU E 41 -15.63 -1.66 -10.93
CA GLU E 41 -15.83 -1.20 -12.29
C GLU E 41 -14.50 -0.67 -12.87
N ALA E 42 -13.79 0.11 -12.08
CA ALA E 42 -12.51 0.68 -12.51
C ALA E 42 -11.45 -0.41 -12.65
N LEU E 43 -11.42 -1.33 -11.69
CA LEU E 43 -10.45 -2.41 -11.69
C LEU E 43 -10.60 -3.20 -12.99
N ALA E 44 -11.82 -3.56 -13.34
CA ALA E 44 -12.01 -4.34 -14.56
C ALA E 44 -11.67 -3.57 -15.81
N GLN E 45 -11.95 -2.27 -15.82
CA GLN E 45 -11.63 -1.44 -16.98
C GLN E 45 -10.13 -1.39 -17.22
N VAL E 46 -9.40 -1.05 -16.17
CA VAL E 46 -7.95 -0.97 -16.27
C VAL E 46 -7.26 -2.31 -16.51
N PHE E 47 -7.62 -3.33 -15.75
CA PHE E 47 -6.93 -4.61 -15.94
C PHE E 47 -7.18 -5.16 -17.33
N SER E 48 -8.41 -5.09 -17.82
CA SER E 48 -8.67 -5.64 -19.15
C SER E 48 -7.89 -4.92 -20.24
N GLU E 49 -7.76 -3.61 -20.15
CA GLU E 49 -7.02 -2.90 -21.21
C GLU E 49 -5.51 -2.82 -21.01
N ARG E 50 -5.05 -2.89 -19.75
CA ARG E 50 -3.63 -2.73 -19.51
C ARG E 50 -2.83 -3.90 -18.95
N ALA E 51 -3.46 -5.01 -18.63
CA ALA E 51 -2.69 -6.14 -18.08
C ALA E 51 -1.62 -6.57 -19.08
N CYS E 52 -1.88 -6.27 -20.35
CA CYS E 52 -0.94 -6.61 -21.43
C CYS E 52 0.38 -5.85 -21.36
N ASP E 53 0.42 -4.66 -20.75
CA ASP E 53 1.68 -3.91 -20.73
C ASP E 53 1.97 -3.10 -19.48
N MET E 54 1.24 -3.41 -18.40
CA MET E 54 1.45 -2.66 -17.16
C MET E 54 1.42 -3.65 -15.98
N HIS E 55 2.31 -3.47 -14.99
CA HIS E 55 2.27 -4.38 -13.84
C HIS E 55 1.11 -4.02 -12.90
N VAL E 56 0.75 -4.97 -12.04
CA VAL E 56 -0.44 -4.80 -11.19
C VAL E 56 -0.43 -3.59 -10.28
N ALA E 57 0.67 -3.33 -9.60
CA ALA E 57 0.67 -2.16 -8.73
C ALA E 57 0.47 -0.89 -9.57
N ASP E 58 1.08 -0.84 -10.76
CA ASP E 58 0.87 0.36 -11.60
C ASP E 58 -0.56 0.43 -12.10
N MET E 59 -1.19 -0.71 -12.36
CA MET E 59 -2.59 -0.69 -12.79
C MET E 59 -3.44 -0.23 -11.62
N LEU E 60 -3.07 -0.57 -10.38
CA LEU E 60 -3.88 -0.10 -9.26
C LEU E 60 -3.74 1.40 -9.07
N VAL E 61 -2.64 1.99 -9.57
CA VAL E 61 -2.46 3.44 -9.51
C VAL E 61 -3.45 4.09 -10.51
N LYS E 62 -3.61 3.46 -11.68
CA LYS E 62 -4.55 3.99 -12.67
C LYS E 62 -5.97 3.88 -12.08
N VAL E 63 -6.23 2.81 -11.33
CA VAL E 63 -7.54 2.68 -10.70
C VAL E 63 -7.73 3.83 -9.69
N ASN E 64 -6.69 4.12 -8.91
CA ASN E 64 -6.77 5.22 -7.94
C ASN E 64 -7.13 6.52 -8.67
N ALA E 65 -6.52 6.75 -9.83
CA ALA E 65 -6.80 7.97 -10.60
C ALA E 65 -8.27 8.02 -11.01
N LEU E 66 -8.82 6.91 -11.44
CA LEU E 66 -10.25 6.90 -11.84
C LEU E 66 -11.16 7.16 -10.62
N ILE E 67 -10.85 6.52 -9.50
CA ILE E 67 -11.67 6.69 -8.30
C ILE E 67 -11.61 8.10 -7.73
N LYS E 68 -10.43 8.71 -7.72
CA LYS E 68 -10.26 10.06 -7.22
C LYS E 68 -11.16 11.04 -7.99
N ASP E 69 -11.36 10.78 -9.28
CA ASP E 69 -12.16 11.68 -10.09
C ASP E 69 -13.67 11.41 -10.05
N ARG E 70 -14.06 10.26 -9.58
CA ARG E 70 -15.48 9.95 -9.58
C ARG E 70 -16.20 10.65 -8.44
N GLU E 71 -17.50 10.88 -8.61
CA GLU E 71 -18.24 11.53 -7.56
C GLU E 71 -19.64 10.90 -7.49
N GLY E 72 -20.22 10.95 -6.29
CA GLY E 72 -21.51 10.32 -6.09
C GLY E 72 -22.68 10.97 -6.78
N TYR E 73 -23.60 10.14 -7.25
CA TYR E 73 -24.82 10.60 -7.88
C TYR E 73 -25.93 9.95 -7.02
N ALA E 74 -26.61 10.76 -6.20
CA ALA E 74 -27.68 10.27 -5.34
C ALA E 74 -28.35 11.51 -4.76
N PRO E 75 -28.92 12.34 -5.62
CA PRO E 75 -29.58 13.56 -5.17
C PRO E 75 -30.62 13.32 -4.07
N GLY E 76 -30.64 14.20 -3.07
CA GLY E 76 -31.56 14.09 -1.96
C GLY E 76 -31.11 13.13 -0.86
N THR E 77 -29.92 12.55 -1.01
CA THR E 77 -29.39 11.63 0.00
C THR E 77 -28.06 12.17 0.48
N GLU E 78 -27.53 11.54 1.53
CA GLU E 78 -26.25 11.94 2.11
C GLU E 78 -25.05 11.65 1.18
N PHE E 79 -25.26 10.88 0.14
CA PHE E 79 -24.18 10.50 -0.76
C PHE E 79 -24.01 11.35 -2.02
N HIS E 80 -24.88 12.33 -2.23
CA HIS E 80 -24.76 13.10 -3.44
C HIS E 80 -23.48 13.92 -3.41
N ARG E 81 -22.74 13.77 -4.50
CA ARG E 81 -21.44 14.42 -4.74
C ARG E 81 -20.37 13.93 -3.75
N CYS E 82 -20.61 12.78 -3.12
CA CYS E 82 -19.62 12.24 -2.18
C CYS E 82 -18.41 11.73 -2.94
N LYS E 83 -17.33 11.50 -2.20
CA LYS E 83 -16.09 11.03 -2.83
C LYS E 83 -15.63 9.79 -2.10
N GLU E 84 -14.64 9.12 -2.70
CA GLU E 84 -14.04 7.96 -2.07
C GLU E 84 -12.63 7.92 -2.64
N MET E 85 -11.72 7.31 -1.91
CA MET E 85 -10.36 7.17 -2.40
C MET E 85 -9.93 5.73 -2.15
N SER E 86 -9.57 5.03 -3.21
CA SER E 86 -9.10 3.66 -3.09
C SER E 86 -7.61 3.73 -2.74
N GLU E 87 -7.06 2.61 -2.27
CA GLU E 87 -5.63 2.58 -2.00
C GLU E 87 -5.18 1.13 -2.18
N TYR E 88 -3.87 0.91 -2.25
CA TYR E 88 -3.40 -0.49 -2.25
C TYR E 88 -2.20 -0.52 -1.34
N CYS E 89 -1.98 -1.68 -0.72
CA CYS E 89 -0.81 -1.86 0.14
C CYS E 89 -0.05 -3.04 -0.43
N SER E 90 1.28 -2.98 -0.40
CA SER E 90 2.06 -4.01 -1.04
C SER E 90 3.29 -4.49 -0.34
N THR E 91 3.44 -5.82 -0.28
CA THR E 91 4.67 -6.42 0.18
C THR E 91 5.26 -7.16 -1.05
N LEU E 92 4.90 -6.75 -2.27
CA LEU E 92 5.53 -7.38 -3.44
C LEU E 92 7.03 -7.00 -3.49
N CYS E 93 7.84 -7.89 -4.07
CA CYS E 93 9.29 -7.68 -4.11
C CYS E 93 9.81 -7.58 -5.51
N ARG E 94 8.90 -7.61 -6.48
CA ARG E 94 9.26 -7.37 -7.88
C ARG E 94 8.02 -7.01 -8.65
N HIS E 95 8.19 -6.72 -9.94
CA HIS E 95 7.02 -6.36 -10.75
C HIS E 95 6.08 -7.55 -10.87
N LEU E 96 4.78 -7.28 -10.89
CA LEU E 96 3.82 -8.35 -11.07
C LEU E 96 3.12 -8.15 -12.42
N TYR E 97 3.62 -8.79 -13.47
CA TYR E 97 2.96 -8.75 -14.80
C TYR E 97 2.13 -10.03 -14.93
N LEU E 98 0.90 -9.90 -15.44
CA LEU E 98 0.02 -11.05 -15.58
C LEU E 98 0.23 -11.72 -16.94
N PHE E 99 0.93 -11.05 -17.85
CA PHE E 99 1.24 -11.62 -19.18
C PHE E 99 0.07 -12.31 -19.86
N PRO E 100 -1.08 -11.63 -19.94
CA PRO E 100 -2.22 -12.26 -20.59
C PRO E 100 -1.93 -12.67 -22.03
N GLY E 101 -2.34 -13.87 -22.38
CA GLY E 101 -2.16 -14.34 -23.74
C GLY E 101 -0.77 -14.74 -24.15
N HIS E 102 0.14 -14.90 -23.19
CA HIS E 102 1.48 -15.32 -23.54
C HIS E 102 1.88 -16.49 -22.67
N PRO E 103 2.23 -17.62 -23.29
CA PRO E 103 2.21 -17.79 -24.76
C PRO E 103 0.77 -17.92 -25.23
N PRO E 104 0.50 -17.67 -26.53
CA PRO E 104 -0.84 -17.75 -27.12
C PRO E 104 -1.62 -19.00 -26.67
N THR E 105 -2.75 -18.72 -26.00
CA THR E 105 -3.69 -19.68 -25.40
C THR E 105 -3.06 -20.88 -24.69
N LEU F 2 -28.22 4.64 -8.75
CA LEU F 2 -27.75 5.56 -7.71
C LEU F 2 -26.64 4.92 -6.89
N ASP F 3 -25.85 5.74 -6.24
CA ASP F 3 -24.73 5.26 -5.41
C ASP F 3 -25.19 5.10 -3.97
N GLU F 4 -24.84 3.91 -3.44
CA GLU F 4 -25.14 3.45 -2.08
C GLU F 4 -23.81 3.07 -1.40
N SER F 5 -23.81 3.06 -0.05
CA SER F 5 -22.59 2.72 0.71
C SER F 5 -22.53 1.23 1.05
#